data_3DK8
#
_entry.id   3DK8
#
_cell.length_a   120.031
_cell.length_b   62.281
_cell.length_c   83.980
_cell.angle_alpha   90.00
_cell.angle_beta   121.90
_cell.angle_gamma   90.00
#
_symmetry.space_group_name_H-M   'C 1 2 1'
#
loop_
_entity.id
_entity.type
_entity.pdbx_description
1 polymer 'Glutathione reductase'
2 non-polymer 'SULFATE ION'
3 non-polymer 'FLAVIN-ADENINE DINUCLEOTIDE'
4 non-polymer GLUTATHIONE
5 non-polymer GLYCEROL
6 water water
#
_entity_poly.entity_id   1
_entity_poly.type   'polypeptide(L)'
_entity_poly.pdbx_seq_one_letter_code
;ACRQEPQPQGPPPAAGAVASYDYLVIGGGSGGLASARRAAELGARAAVVESHKLGGTCVNVGCVPKKVMWNTAVHSEFMH
DHADYGFPSCEGKFNWRVIKEKRDAYVSRLNAIYQNNLTKSHIEIIRGHAAFTSDPKPTIEVSGKKYTAPHILIATGGMP
STPHESQIPGASLGITSDGFFQLEELPGRSVIVGAGYIAVEMAGILSALGSKTSLMIRHDKVLRSFDSMISTNCTEELEN
AGVEVLKFSQVKEVKKTLSGLEVSMVTAVPGRLPVMTMIPDVDCLLWAIGRVPNTKDLSLNKLGIQTDDKGHIIVDEFQN
TNVKGIYAVGDVCGKALLTPVAIAAGRKLAHRLFEYKEDSKLDYNNIPTVVFSHPPIGTVGLTEDEAIHKYGIENVKTYS
TSFTPMYHAVTKRKTKCVMKMVCANKEEKVVGIHMQGLGCDEMLQGFAVAVKMGATKADFDNTVAIHPTSSEELVTLR
;
_entity_poly.pdbx_strand_id   A
#
loop_
_chem_comp.id
_chem_comp.type
_chem_comp.name
_chem_comp.formula
FAD non-polymer 'FLAVIN-ADENINE DINUCLEOTIDE' 'C27 H33 N9 O15 P2'
GOL non-polymer GLYCEROL 'C3 H8 O3'
GSH non-polymer GLUTATHIONE 'C10 H17 N3 O6 S'
SO4 non-polymer 'SULFATE ION' 'O4 S -2'
#
# COMPACT_ATOMS: atom_id res chain seq x y z
N ALA A 17 -20.26 34.25 12.47
CA ALA A 17 -20.85 34.00 11.16
C ALA A 17 -20.44 32.60 10.68
N VAL A 18 -21.27 31.97 9.88
CA VAL A 18 -21.01 30.63 9.43
C VAL A 18 -21.28 30.52 7.92
N ALA A 19 -20.26 30.08 7.22
CA ALA A 19 -20.46 29.89 5.78
C ALA A 19 -21.08 28.52 5.47
N SER A 20 -22.06 28.47 4.61
CA SER A 20 -22.78 27.22 4.28
C SER A 20 -22.42 26.77 2.89
N TYR A 21 -22.27 25.45 2.75
CA TYR A 21 -21.98 24.72 1.56
C TYR A 21 -22.95 23.55 1.40
N ASP A 22 -23.06 22.98 0.22
CA ASP A 22 -23.74 21.70 0.10
C ASP A 22 -22.95 20.52 0.63
N TYR A 23 -21.61 20.64 0.51
CA TYR A 23 -20.73 19.52 0.81
C TYR A 23 -19.42 20.07 1.38
N LEU A 24 -19.04 19.65 2.57
CA LEU A 24 -17.77 19.99 3.17
C LEU A 24 -16.97 18.72 3.31
N VAL A 25 -15.77 18.72 2.77
CA VAL A 25 -14.88 17.55 2.78
C VAL A 25 -13.66 17.87 3.60
N ILE A 26 -13.39 17.07 4.64
CA ILE A 26 -12.24 17.26 5.52
C ILE A 26 -11.16 16.28 5.07
N GLY A 27 -10.14 16.84 4.42
CA GLY A 27 -9.02 16.08 3.91
C GLY A 27 -8.98 16.15 2.40
N GLY A 28 -7.84 16.51 1.84
CA GLY A 28 -7.60 16.64 0.42
C GLY A 28 -6.66 15.58 -0.14
N GLY A 29 -6.83 14.33 0.30
CA GLY A 29 -6.21 13.17 -0.24
C GLY A 29 -7.12 12.46 -1.20
N SER A 30 -6.82 11.20 -1.50
CA SER A 30 -7.52 10.49 -2.56
C SER A 30 -9.01 10.50 -2.41
N GLY A 31 -9.49 10.11 -1.23
CA GLY A 31 -10.91 10.00 -1.00
C GLY A 31 -11.64 11.33 -1.02
N GLY A 32 -11.06 12.32 -0.37
CA GLY A 32 -11.70 13.65 -0.31
C GLY A 32 -11.72 14.35 -1.63
N LEU A 33 -10.59 14.32 -2.34
CA LEU A 33 -10.53 14.92 -3.68
C LEU A 33 -11.53 14.29 -4.59
N ALA A 34 -11.57 12.97 -4.64
CA ALA A 34 -12.44 12.29 -5.59
C ALA A 34 -13.89 12.57 -5.24
N SER A 35 -14.27 12.52 -3.98
CA SER A 35 -15.66 12.71 -3.61
C SER A 35 -16.10 14.18 -3.92
N ALA A 36 -15.24 15.14 -3.57
CA ALA A 36 -15.57 16.57 -3.83
C ALA A 36 -15.72 16.82 -5.32
N ARG A 37 -14.82 16.28 -6.13
CA ARG A 37 -14.86 16.53 -7.58
C ARG A 37 -16.13 15.93 -8.19
N ARG A 38 -16.53 14.72 -7.75
CA ARG A 38 -17.74 14.14 -8.31
C ARG A 38 -18.97 14.90 -7.83
N ALA A 39 -19.02 15.32 -6.56
CA ALA A 39 -20.14 16.09 -6.06
C ALA A 39 -20.28 17.39 -6.86
N ALA A 40 -19.17 18.08 -7.15
CA ALA A 40 -19.21 19.34 -7.92
C ALA A 40 -19.73 19.08 -9.32
N GLU A 41 -19.35 17.98 -9.96
CA GLU A 41 -19.93 17.65 -11.25
C GLU A 41 -21.44 17.57 -11.20
N LEU A 42 -22.02 17.13 -10.15
CA LEU A 42 -23.44 17.02 -9.93
C LEU A 42 -24.10 18.30 -9.44
N GLY A 43 -23.31 19.38 -9.33
CA GLY A 43 -23.82 20.71 -8.97
C GLY A 43 -23.59 21.15 -7.58
N ALA A 44 -23.06 20.27 -6.72
CA ALA A 44 -22.86 20.66 -5.32
C ALA A 44 -21.91 21.84 -5.21
N ARG A 45 -22.19 22.74 -4.31
CA ARG A 45 -21.35 23.78 -3.78
C ARG A 45 -20.47 23.19 -2.67
N ALA A 46 -19.20 22.91 -3.09
CA ALA A 46 -18.32 22.11 -2.23
C ALA A 46 -17.08 22.89 -1.81
N ALA A 47 -16.52 22.44 -0.70
CA ALA A 47 -15.23 22.93 -0.20
C ALA A 47 -14.43 21.74 0.33
N VAL A 48 -13.13 21.78 0.16
CA VAL A 48 -12.17 20.83 0.71
C VAL A 48 -11.26 21.53 1.72
N VAL A 49 -11.17 20.98 2.90
CA VAL A 49 -10.23 21.46 3.93
C VAL A 49 -8.99 20.63 3.87
N GLU A 50 -7.82 21.26 3.87
CA GLU A 50 -6.55 20.53 3.81
C GLU A 50 -5.52 21.29 4.67
N SER A 51 -4.93 20.58 5.64
CA SER A 51 -3.95 21.20 6.53
C SER A 51 -2.53 21.16 6.01
N HIS A 52 -2.23 20.28 5.08
CA HIS A 52 -0.89 20.07 4.54
C HIS A 52 -0.94 20.14 3.03
N LYS A 53 -0.53 19.11 2.31
CA LYS A 53 -0.41 19.18 0.87
C LYS A 53 -1.49 18.38 0.18
N LEU A 54 -2.13 19.02 -0.81
CA LEU A 54 -3.11 18.33 -1.61
C LEU A 54 -2.49 17.12 -2.26
N GLY A 55 -3.35 16.09 -2.39
CA GLY A 55 -2.92 14.79 -2.82
C GLY A 55 -2.69 13.80 -1.72
N GLY A 56 -2.58 14.27 -0.50
CA GLY A 56 -2.52 13.42 0.65
C GLY A 56 -1.40 12.41 0.60
N THR A 57 -1.69 11.24 1.17
CA THR A 57 -0.68 10.19 1.28
C THR A 57 -0.28 9.69 -0.10
N CYS A 58 -1.24 9.49 -0.99
CA CYS A 58 -1.01 8.95 -2.32
C CYS A 58 0.11 9.74 -3.02
N VAL A 59 -0.06 11.04 -3.09
CA VAL A 59 0.88 11.86 -3.89
C VAL A 59 2.16 12.06 -3.11
N ASN A 60 2.09 12.34 -1.80
CA ASN A 60 3.23 12.92 -1.10
C ASN A 60 4.10 11.87 -0.41
N VAL A 61 3.56 10.83 0.20
CA VAL A 61 4.36 9.92 1.05
C VAL A 61 3.88 8.47 0.88
N GLY A 62 3.32 8.11 -0.26
CA GLY A 62 2.70 6.84 -0.46
C GLY A 62 2.93 6.33 -1.87
N CYS A 63 1.82 5.97 -2.52
CA CYS A 63 1.75 5.33 -3.83
C CYS A 63 2.79 5.88 -4.80
N VAL A 64 2.76 7.21 -5.07
CA VAL A 64 3.52 7.78 -6.16
C VAL A 64 5.02 7.74 -5.85
N PRO A 65 5.52 8.32 -4.74
CA PRO A 65 6.97 8.25 -4.53
C PRO A 65 7.44 6.82 -4.31
N LYS A 66 6.63 5.98 -3.73
CA LYS A 66 7.01 4.54 -3.62
C LYS A 66 7.24 3.98 -5.00
N LYS A 67 6.32 4.21 -5.94
CA LYS A 67 6.46 3.64 -7.25
C LYS A 67 7.67 4.13 -8.02
N VAL A 68 8.00 5.43 -7.84
CA VAL A 68 9.20 5.96 -8.45
C VAL A 68 10.42 5.18 -7.91
N MET A 69 10.45 4.96 -6.59
CA MET A 69 11.56 4.23 -5.99
C MET A 69 11.58 2.77 -6.39
N TRP A 70 10.41 2.15 -6.62
CA TRP A 70 10.34 0.78 -7.12
C TRP A 70 10.92 0.71 -8.52
N ASN A 71 10.53 1.65 -9.40
CA ASN A 71 11.09 1.70 -10.73
C ASN A 71 12.59 1.82 -10.73
N THR A 72 13.12 2.59 -9.76
CA THR A 72 14.56 2.76 -9.61
C THR A 72 15.22 1.42 -9.22
N ALA A 73 14.60 0.74 -8.24
CA ALA A 73 15.07 -0.57 -7.79
C ALA A 73 15.01 -1.59 -8.90
N VAL A 74 13.93 -1.68 -9.65
N VAL A 74 14.08 -1.47 -9.82
CA VAL A 74 13.67 -2.59 -10.75
CA VAL A 74 14.18 -2.34 -11.00
C VAL A 74 14.73 -2.45 -11.84
C VAL A 74 15.41 -2.01 -11.86
N HIS A 75 15.03 -1.20 -12.17
N HIS A 75 15.83 -0.76 -11.97
CA HIS A 75 16.07 -0.86 -13.12
CA HIS A 75 17.03 -0.43 -12.72
C HIS A 75 17.37 -1.45 -12.62
C HIS A 75 18.26 -1.09 -12.09
N SER A 76 17.68 -1.23 -11.33
N SER A 76 18.32 -1.26 -10.77
CA SER A 76 18.96 -1.74 -10.81
CA SER A 76 19.43 -2.06 -10.24
C SER A 76 19.07 -3.24 -10.92
C SER A 76 19.40 -3.48 -10.76
N GLU A 77 18.00 -3.93 -10.48
N GLU A 77 18.25 -4.08 -11.10
CA GLU A 77 17.98 -5.39 -10.56
CA GLU A 77 18.38 -5.43 -11.65
C GLU A 77 18.17 -5.86 -11.98
C GLU A 77 18.69 -5.50 -13.13
N PHE A 78 17.48 -5.28 -12.93
N PHE A 78 18.20 -4.50 -13.87
CA PHE A 78 17.63 -5.75 -14.32
CA PHE A 78 18.63 -4.33 -15.25
C PHE A 78 19.02 -5.50 -14.83
C PHE A 78 20.15 -4.33 -15.27
N MET A 79 19.68 -4.43 -14.41
N MET A 79 20.75 -3.60 -14.35
CA MET A 79 21.02 -4.12 -14.97
CA MET A 79 22.19 -3.47 -14.25
C MET A 79 22.04 -5.15 -14.52
C MET A 79 22.80 -4.87 -14.07
N HIS A 80 21.69 -5.94 -13.50
N HIS A 80 22.22 -5.72 -13.23
CA HIS A 80 22.48 -7.07 -13.01
CA HIS A 80 22.83 -7.04 -13.03
C HIS A 80 22.58 -8.15 -14.09
C HIS A 80 22.73 -7.98 -14.22
N ASP A 81 21.72 -7.99 -15.09
CA ASP A 81 21.59 -8.89 -16.22
C ASP A 81 22.21 -8.34 -17.51
N HIS A 82 22.81 -7.18 -17.46
CA HIS A 82 23.24 -6.47 -18.68
C HIS A 82 24.31 -7.26 -19.44
N ALA A 83 25.30 -7.81 -18.75
CA ALA A 83 26.33 -8.62 -19.41
C ALA A 83 25.69 -9.89 -19.99
N ASP A 84 24.74 -10.49 -19.26
CA ASP A 84 24.14 -11.73 -19.80
C ASP A 84 23.43 -11.48 -21.13
N TYR A 85 22.88 -10.28 -21.30
CA TYR A 85 22.19 -9.87 -22.52
C TYR A 85 23.11 -9.29 -23.59
N GLY A 86 24.43 -9.36 -23.40
CA GLY A 86 25.35 -9.05 -24.45
C GLY A 86 25.99 -7.67 -24.33
N PHE A 87 25.81 -6.95 -23.29
CA PHE A 87 26.37 -5.60 -23.19
C PHE A 87 27.51 -5.59 -22.21
N PRO A 88 28.52 -4.74 -22.39
N PRO A 88 28.34 -4.56 -22.26
CA PRO A 88 29.50 -4.57 -21.30
CA PRO A 88 29.39 -4.33 -21.25
C PRO A 88 28.80 -4.12 -20.03
C PRO A 88 28.89 -4.51 -19.82
N SER A 89 29.16 -4.78 -18.93
N SER A 89 29.70 -5.21 -19.01
CA SER A 89 28.58 -4.53 -17.63
CA SER A 89 29.39 -5.53 -17.62
C SER A 89 28.67 -3.05 -17.30
C SER A 89 29.33 -4.27 -16.76
N CYS A 90 27.72 -2.70 -16.46
N CYS A 90 28.40 -4.28 -15.81
CA CYS A 90 27.51 -1.37 -15.98
CA CYS A 90 28.14 -3.11 -14.97
C CYS A 90 28.06 -1.06 -14.61
C CYS A 90 27.79 -3.48 -13.53
N GLU A 91 29.34 -1.33 -14.38
N GLU A 91 27.96 -2.56 -12.60
CA GLU A 91 29.94 -1.22 -13.05
CA GLU A 91 27.53 -2.64 -11.21
C GLU A 91 29.78 0.16 -12.41
C GLU A 91 28.20 -1.55 -10.36
N GLY A 92 28.57 0.58 -12.00
N GLY A 92 27.73 -0.32 -10.54
CA GLY A 92 28.31 1.88 -11.43
CA GLY A 92 28.26 0.90 -9.95
C GLY A 92 27.52 2.13 -10.19
C GLY A 92 27.39 1.58 -8.92
N LYS A 93 28.05 2.92 -9.23
N LYS A 93 27.97 2.61 -8.30
CA LYS A 93 27.28 3.11 -7.99
CA LYS A 93 27.32 3.29 -7.20
C LYS A 93 26.08 4.04 -8.11
C LYS A 93 26.20 4.20 -7.70
N PHE A 94 25.04 3.69 -7.36
CA PHE A 94 23.82 4.49 -7.39
C PHE A 94 24.03 5.78 -6.64
N ASN A 95 23.38 6.84 -7.13
CA ASN A 95 23.39 8.11 -6.42
C ASN A 95 21.97 8.46 -5.99
N TRP A 96 21.63 8.18 -4.76
CA TRP A 96 20.31 8.43 -4.19
C TRP A 96 19.84 9.85 -4.39
N ARG A 97 20.74 10.84 -4.22
CA ARG A 97 20.33 12.25 -4.34
C ARG A 97 19.74 12.57 -5.72
N VAL A 98 20.24 11.93 -6.78
CA VAL A 98 19.75 12.22 -8.13
C VAL A 98 18.25 11.89 -8.22
N ILE A 99 17.88 10.70 -7.79
CA ILE A 99 16.50 10.33 -7.92
C ILE A 99 15.65 10.99 -6.85
N LYS A 100 16.17 11.26 -5.66
CA LYS A 100 15.39 11.97 -4.65
C LYS A 100 14.92 13.33 -5.20
N GLU A 101 15.82 14.05 -5.84
CA GLU A 101 15.45 15.38 -6.33
C GLU A 101 14.37 15.25 -7.41
N LYS A 102 14.52 14.29 -8.31
CA LYS A 102 13.55 14.12 -9.40
C LYS A 102 12.19 13.68 -8.87
N ARG A 103 12.21 12.81 -7.87
CA ARG A 103 10.99 12.35 -7.22
C ARG A 103 10.27 13.49 -6.56
N ASP A 104 11.01 14.31 -5.82
CA ASP A 104 10.42 15.47 -5.16
C ASP A 104 9.83 16.43 -6.18
N ALA A 105 10.48 16.63 -7.31
CA ALA A 105 9.93 17.53 -8.35
C ALA A 105 8.63 16.98 -8.87
N TYR A 106 8.54 15.68 -9.11
CA TYR A 106 7.29 15.05 -9.58
C TYR A 106 6.16 15.25 -8.59
N VAL A 107 6.45 15.05 -7.31
CA VAL A 107 5.46 15.28 -6.28
C VAL A 107 4.94 16.70 -6.34
N SER A 108 5.88 17.67 -6.49
CA SER A 108 5.46 19.08 -6.61
C SER A 108 4.59 19.33 -7.82
N ARG A 109 4.90 18.72 -8.96
CA ARG A 109 4.05 18.84 -10.13
C ARG A 109 2.65 18.34 -9.86
N LEU A 110 2.55 17.21 -9.14
CA LEU A 110 1.25 16.65 -8.78
C LEU A 110 0.49 17.53 -7.81
N ASN A 111 1.17 18.12 -6.84
CA ASN A 111 0.50 19.04 -5.94
C ASN A 111 -0.17 20.16 -6.73
N ALA A 112 0.54 20.68 -7.72
CA ALA A 112 0.01 21.78 -8.55
C ALA A 112 -1.18 21.31 -9.39
N ILE A 113 -1.12 20.11 -9.94
CA ILE A 113 -2.21 19.57 -10.72
C ILE A 113 -3.45 19.40 -9.86
N TYR A 114 -3.35 18.83 -8.68
CA TYR A 114 -4.55 18.64 -7.88
C TYR A 114 -5.14 19.92 -7.37
N GLN A 115 -4.30 20.91 -7.06
CA GLN A 115 -4.84 22.25 -6.74
C GLN A 115 -5.67 22.79 -7.90
N ASN A 116 -5.12 22.67 -9.12
CA ASN A 116 -5.83 23.15 -10.29
C ASN A 116 -7.10 22.36 -10.54
N ASN A 117 -7.09 21.06 -10.29
CA ASN A 117 -8.33 20.27 -10.47
C ASN A 117 -9.45 20.76 -9.61
N LEU A 118 -9.12 21.15 -8.36
CA LEU A 118 -10.16 21.73 -7.51
C LEU A 118 -10.60 23.10 -8.00
N THR A 119 -9.66 23.99 -8.31
CA THR A 119 -9.97 25.34 -8.77
C THR A 119 -10.82 25.30 -10.01
N LYS A 120 -10.49 24.48 -10.98
CA LYS A 120 -11.19 24.39 -12.26
C LYS A 120 -12.61 23.87 -12.07
N SER A 121 -12.80 23.10 -11.00
CA SER A 121 -14.11 22.57 -10.64
C SER A 121 -14.85 23.56 -9.75
N HIS A 122 -14.31 24.70 -9.42
CA HIS A 122 -14.94 25.68 -8.55
C HIS A 122 -15.20 25.12 -7.17
N ILE A 123 -14.28 24.32 -6.68
CA ILE A 123 -14.29 23.78 -5.32
C ILE A 123 -13.41 24.68 -4.49
N GLU A 124 -13.96 25.24 -3.41
CA GLU A 124 -13.14 26.08 -2.54
C GLU A 124 -12.11 25.27 -1.79
N ILE A 125 -10.91 25.78 -1.65
CA ILE A 125 -9.90 25.15 -0.85
C ILE A 125 -9.74 25.97 0.44
N ILE A 126 -9.97 25.30 1.57
CA ILE A 126 -9.82 25.90 2.88
C ILE A 126 -8.54 25.36 3.50
N ARG A 127 -7.53 26.20 3.69
CA ARG A 127 -6.24 25.77 4.17
C ARG A 127 -6.20 25.83 5.68
N GLY A 128 -5.98 24.74 6.36
CA GLY A 128 -5.85 24.71 7.79
C GLY A 128 -6.39 23.38 8.31
N HIS A 129 -6.35 23.25 9.65
CA HIS A 129 -6.82 22.09 10.37
C HIS A 129 -8.25 22.23 10.83
N ALA A 130 -9.13 21.34 10.38
CA ALA A 130 -10.54 21.32 10.78
C ALA A 130 -10.77 20.54 12.07
N ALA A 131 -11.66 21.00 12.89
CA ALA A 131 -12.25 20.25 13.99
C ALA A 131 -13.72 20.55 14.10
N PHE A 132 -14.51 19.59 14.56
CA PHE A 132 -15.92 19.85 14.80
C PHE A 132 -16.15 20.76 15.99
N THR A 133 -17.24 21.47 15.94
CA THR A 133 -17.71 22.25 17.10
C THR A 133 -18.87 21.57 17.78
N SER A 134 -19.28 22.18 18.90
CA SER A 134 -20.40 21.60 19.63
C SER A 134 -21.79 22.04 19.15
N ASP A 135 -21.86 22.80 18.09
CA ASP A 135 -23.12 23.22 17.50
C ASP A 135 -23.95 21.99 17.15
N PRO A 136 -25.18 21.93 17.61
CA PRO A 136 -25.99 20.71 17.32
C PRO A 136 -26.09 20.44 15.83
N LYS A 137 -26.21 21.52 15.06
CA LYS A 137 -26.03 21.37 13.62
C LYS A 137 -24.55 21.20 13.23
N PRO A 138 -24.19 20.08 12.62
CA PRO A 138 -22.77 19.84 12.39
C PRO A 138 -22.05 20.97 11.66
N THR A 139 -20.98 21.40 12.28
CA THR A 139 -20.22 22.61 11.91
C THR A 139 -18.77 22.32 12.26
N ILE A 140 -17.87 22.82 11.46
CA ILE A 140 -16.44 22.71 11.69
C ILE A 140 -15.86 24.13 11.84
N GLU A 141 -14.72 24.18 12.49
CA GLU A 141 -13.93 25.41 12.63
C GLU A 141 -12.54 25.16 12.05
N VAL A 142 -12.03 26.11 11.28
CA VAL A 142 -10.72 26.09 10.67
C VAL A 142 -10.14 27.50 10.90
N SER A 143 -9.05 27.62 11.62
CA SER A 143 -8.41 28.92 11.84
C SER A 143 -9.44 29.95 12.37
N GLY A 144 -10.32 29.55 13.27
CA GLY A 144 -11.23 30.43 13.93
C GLY A 144 -12.44 30.80 13.09
N LYS A 145 -12.61 30.24 11.90
CA LYS A 145 -13.73 30.53 11.03
C LYS A 145 -14.60 29.27 10.99
N LYS A 146 -15.93 29.43 10.97
CA LYS A 146 -16.83 28.29 11.01
C LYS A 146 -17.51 28.03 9.67
N TYR A 147 -17.73 26.74 9.35
CA TYR A 147 -18.28 26.29 8.11
C TYR A 147 -19.30 25.19 8.37
N THR A 148 -20.39 25.12 7.63
CA THR A 148 -21.40 24.10 7.83
C THR A 148 -21.89 23.60 6.48
N ALA A 149 -22.49 22.43 6.50
CA ALA A 149 -23.15 21.84 5.34
C ALA A 149 -24.09 20.76 5.84
N PRO A 150 -25.10 20.40 5.03
CA PRO A 150 -25.93 19.25 5.38
C PRO A 150 -25.21 17.92 5.18
N HIS A 151 -24.08 17.93 4.52
CA HIS A 151 -23.29 16.76 4.25
C HIS A 151 -21.81 17.07 4.52
N ILE A 152 -21.20 16.38 5.45
CA ILE A 152 -19.80 16.56 5.79
C ILE A 152 -19.11 15.20 5.70
N LEU A 153 -18.07 15.14 4.88
CA LEU A 153 -17.27 13.93 4.70
C LEU A 153 -15.97 14.04 5.44
N ILE A 154 -15.69 13.08 6.32
CA ILE A 154 -14.41 12.94 7.01
C ILE A 154 -13.54 12.00 6.19
N ALA A 155 -12.45 12.54 5.63
CA ALA A 155 -11.53 11.78 4.76
C ALA A 155 -10.10 12.15 5.14
N THR A 156 -9.77 12.00 6.43
CA THR A 156 -8.55 12.51 7.00
C THR A 156 -7.39 11.50 7.00
N GLY A 157 -7.61 10.29 6.51
CA GLY A 157 -6.55 9.34 6.38
C GLY A 157 -5.98 8.84 7.69
N GLY A 158 -4.72 8.41 7.61
CA GLY A 158 -3.99 7.86 8.76
C GLY A 158 -2.52 8.25 8.68
N MET A 159 -1.72 7.57 9.50
CA MET A 159 -0.32 7.87 9.61
C MET A 159 0.37 6.60 10.10
N PRO A 160 1.71 6.50 9.96
CA PRO A 160 2.38 5.27 10.41
C PRO A 160 2.32 5.11 11.92
N SER A 161 2.22 3.85 12.37
CA SER A 161 2.37 3.55 13.76
C SER A 161 3.82 3.45 14.22
N THR A 162 4.17 3.93 15.41
CA THR A 162 5.45 3.71 16.01
C THR A 162 5.25 3.15 17.42
N PRO A 163 6.12 2.27 17.87
CA PRO A 163 6.02 1.76 19.22
C PRO A 163 6.18 2.90 20.24
N HIS A 164 5.49 2.71 21.39
CA HIS A 164 5.69 3.61 22.51
C HIS A 164 6.98 3.30 23.25
N GLU A 165 7.61 4.32 23.79
CA GLU A 165 8.83 4.15 24.55
C GLU A 165 8.65 3.23 25.76
N SER A 166 7.48 3.26 26.36
CA SER A 166 7.25 2.41 27.53
C SER A 166 7.34 0.95 27.15
N GLN A 167 7.08 0.65 25.88
CA GLN A 167 7.14 -0.73 25.40
C GLN A 167 8.52 -1.10 24.84
N ILE A 168 9.06 -0.20 24.03
CA ILE A 168 10.32 -0.40 23.31
C ILE A 168 11.14 0.86 23.52
N PRO A 169 11.95 0.90 24.56
CA PRO A 169 12.77 2.11 24.79
C PRO A 169 13.68 2.37 23.59
N GLY A 170 13.75 3.64 23.15
CA GLY A 170 14.54 4.06 22.01
C GLY A 170 13.80 3.94 20.68
N ALA A 171 12.51 3.51 20.70
CA ALA A 171 11.81 3.34 19.43
C ALA A 171 11.78 4.64 18.62
N SER A 172 11.78 5.80 19.31
CA SER A 172 11.76 7.09 18.56
C SER A 172 13.01 7.33 17.74
N LEU A 173 14.07 6.55 17.91
CA LEU A 173 15.27 6.64 17.08
C LEU A 173 15.08 6.04 15.67
N GLY A 174 14.05 5.25 15.54
CA GLY A 174 13.65 4.71 14.26
C GLY A 174 12.84 5.77 13.47
N ILE A 175 12.62 5.45 12.21
CA ILE A 175 11.84 6.22 11.29
C ILE A 175 10.65 5.34 10.83
N THR A 176 9.76 5.95 10.08
CA THR A 176 8.66 5.26 9.44
C THR A 176 8.73 5.50 7.93
N SER A 177 7.74 5.03 7.18
CA SER A 177 7.69 5.34 5.75
C SER A 177 7.74 6.83 5.48
N ASP A 178 7.18 7.65 6.37
CA ASP A 178 7.27 9.11 6.15
C ASP A 178 8.74 9.55 6.11
N GLY A 179 9.52 9.08 7.12
CA GLY A 179 10.92 9.43 7.13
C GLY A 179 11.69 8.83 5.98
N PHE A 180 11.27 7.69 5.45
CA PHE A 180 11.90 7.09 4.29
C PHE A 180 11.93 8.10 3.14
N PHE A 181 10.82 8.81 2.93
CA PHE A 181 10.71 9.76 1.87
C PHE A 181 11.40 11.10 2.16
N GLN A 182 11.97 11.24 3.35
CA GLN A 182 12.83 12.38 3.65
C GLN A 182 14.31 12.01 3.57
N LEU A 183 14.67 10.73 3.50
CA LEU A 183 16.09 10.35 3.40
C LEU A 183 16.81 11.03 2.22
N GLU A 184 17.98 11.56 2.47
CA GLU A 184 18.74 12.27 1.45
C GLU A 184 19.91 11.44 0.94
N GLU A 185 20.18 10.30 1.55
CA GLU A 185 21.26 9.38 1.15
C GLU A 185 20.81 7.93 1.37
N LEU A 186 21.42 7.02 0.66
CA LEU A 186 21.18 5.58 0.87
C LEU A 186 21.74 5.15 2.21
N PRO A 187 20.95 4.58 3.13
CA PRO A 187 21.56 4.04 4.35
C PRO A 187 22.48 2.88 4.04
N GLY A 188 23.59 2.80 4.72
CA GLY A 188 24.46 1.67 4.48
C GLY A 188 23.91 0.37 4.99
N ARG A 189 23.25 0.40 6.12
CA ARG A 189 22.69 -0.74 6.85
C ARG A 189 21.26 -0.42 7.29
N SER A 190 20.34 -1.21 6.82
CA SER A 190 18.91 -0.99 7.14
C SER A 190 18.27 -2.19 7.83
N VAL A 191 17.44 -1.91 8.81
CA VAL A 191 16.62 -2.93 9.45
C VAL A 191 15.16 -2.43 9.37
N ILE A 192 14.33 -3.18 8.66
CA ILE A 192 12.91 -2.89 8.47
C ILE A 192 12.17 -3.83 9.39
N VAL A 193 11.26 -3.30 10.22
CA VAL A 193 10.47 -4.10 11.14
C VAL A 193 9.04 -4.18 10.63
N GLY A 194 8.54 -5.36 10.35
CA GLY A 194 7.19 -5.58 9.89
C GLY A 194 7.11 -6.64 8.85
N ALA A 195 5.91 -7.13 8.58
CA ALA A 195 5.73 -8.23 7.69
C ALA A 195 4.61 -8.01 6.66
N GLY A 196 4.04 -6.79 6.62
CA GLY A 196 3.04 -6.44 5.65
C GLY A 196 3.60 -5.84 4.41
N TYR A 197 2.70 -5.40 3.53
CA TYR A 197 3.19 -4.97 2.20
C TYR A 197 4.13 -3.81 2.25
N ILE A 198 3.90 -2.83 3.13
CA ILE A 198 4.80 -1.67 3.17
C ILE A 198 6.19 -2.10 3.59
N ALA A 199 6.30 -2.97 4.62
CA ALA A 199 7.60 -3.46 5.06
C ALA A 199 8.32 -4.18 3.93
N VAL A 200 7.58 -5.06 3.20
CA VAL A 200 8.15 -5.83 2.10
C VAL A 200 8.69 -4.90 1.03
N GLU A 201 7.86 -3.89 0.66
CA GLU A 201 8.24 -3.00 -0.42
C GLU A 201 9.46 -2.18 -0.01
N MET A 202 9.48 -1.64 1.20
CA MET A 202 10.61 -0.81 1.61
C MET A 202 11.90 -1.66 1.69
N ALA A 203 11.82 -2.87 2.24
CA ALA A 203 13.01 -3.70 2.30
C ALA A 203 13.56 -4.03 0.94
N GLY A 204 12.67 -4.35 0.00
CA GLY A 204 13.09 -4.71 -1.35
C GLY A 204 13.73 -3.54 -2.08
N ILE A 205 13.20 -2.32 -1.91
CA ILE A 205 13.80 -1.14 -2.54
C ILE A 205 15.18 -0.87 -1.93
N LEU A 206 15.25 -0.83 -0.61
CA LEU A 206 16.54 -0.51 0.02
C LEU A 206 17.59 -1.52 -0.33
N SER A 207 17.24 -2.81 -0.35
CA SER A 207 18.23 -3.84 -0.69
C SER A 207 18.67 -3.76 -2.14
N ALA A 208 17.70 -3.59 -3.06
CA ALA A 208 18.05 -3.51 -4.49
C ALA A 208 19.02 -2.38 -4.76
N LEU A 209 18.85 -1.25 -4.02
CA LEU A 209 19.65 -0.04 -4.24
C LEU A 209 20.96 -0.07 -3.51
N GLY A 210 21.24 -1.13 -2.76
CA GLY A 210 22.58 -1.41 -2.19
C GLY A 210 22.67 -1.37 -0.70
N SER A 211 21.60 -1.11 0.04
CA SER A 211 21.72 -1.17 1.50
C SER A 211 21.83 -2.61 1.97
N LYS A 212 22.61 -2.87 3.00
CA LYS A 212 22.68 -4.19 3.63
C LYS A 212 21.45 -4.31 4.54
N THR A 213 20.48 -5.06 4.08
CA THR A 213 19.13 -4.95 4.59
C THR A 213 18.67 -6.22 5.31
N SER A 214 18.02 -6.03 6.43
CA SER A 214 17.33 -7.08 7.16
C SER A 214 15.84 -6.69 7.30
N LEU A 215 14.97 -7.68 7.27
CA LEU A 215 13.54 -7.52 7.48
C LEU A 215 13.19 -8.40 8.68
N MET A 216 12.71 -7.79 9.74
CA MET A 216 12.42 -8.49 11.00
C MET A 216 10.93 -8.75 11.13
N ILE A 217 10.59 -10.02 11.22
CA ILE A 217 9.18 -10.46 11.19
C ILE A 217 8.90 -11.32 12.40
N ARG A 218 7.66 -11.28 12.87
CA ARG A 218 7.26 -11.96 14.10
C ARG A 218 7.10 -13.46 13.93
N HIS A 219 6.89 -13.97 12.73
CA HIS A 219 6.66 -15.37 12.48
C HIS A 219 7.66 -15.84 11.44
N ASP A 220 7.29 -16.80 10.60
CA ASP A 220 8.21 -17.45 9.65
C ASP A 220 8.19 -16.85 8.25
N LYS A 221 7.13 -16.13 7.89
CA LYS A 221 6.86 -15.68 6.53
C LYS A 221 6.30 -14.29 6.57
N VAL A 222 6.46 -13.56 5.47
CA VAL A 222 5.80 -12.28 5.26
C VAL A 222 4.41 -12.48 4.67
N LEU A 223 3.61 -11.42 4.69
CA LEU A 223 2.32 -11.38 3.97
C LEU A 223 1.43 -12.53 4.38
N ARG A 224 1.34 -12.80 5.68
CA ARG A 224 0.58 -13.94 6.18
C ARG A 224 -0.92 -13.81 5.91
N SER A 225 -1.44 -12.63 5.67
CA SER A 225 -2.85 -12.53 5.31
C SER A 225 -3.14 -12.86 3.86
N PHE A 226 -2.10 -12.98 3.05
CA PHE A 226 -2.26 -13.34 1.64
C PHE A 226 -2.34 -14.85 1.51
N ASP A 227 -2.69 -15.34 0.30
CA ASP A 227 -2.72 -16.77 0.10
C ASP A 227 -1.40 -17.39 0.54
N SER A 228 -1.50 -18.61 1.11
CA SER A 228 -0.29 -19.26 1.56
C SER A 228 0.82 -19.38 0.51
N MET A 229 0.43 -19.60 -0.76
CA MET A 229 1.44 -19.71 -1.81
C MET A 229 2.25 -18.42 -1.98
N ILE A 230 1.56 -17.29 -1.90
CA ILE A 230 2.19 -15.99 -1.99
C ILE A 230 3.06 -15.71 -0.77
N SER A 231 2.52 -15.99 0.42
CA SER A 231 3.34 -15.78 1.60
C SER A 231 4.65 -16.55 1.53
N THR A 232 4.58 -17.82 1.16
CA THR A 232 5.80 -18.64 1.02
C THR A 232 6.73 -18.08 -0.07
N ASN A 233 6.18 -17.84 -1.25
CA ASN A 233 7.01 -17.42 -2.38
C ASN A 233 7.65 -16.09 -2.12
N CYS A 234 6.92 -15.14 -1.57
CA CYS A 234 7.46 -13.78 -1.34
C CYS A 234 8.62 -13.85 -0.36
N THR A 235 8.49 -14.66 0.67
CA THR A 235 9.56 -14.81 1.63
C THR A 235 10.82 -15.37 1.00
N GLU A 236 10.66 -16.42 0.18
CA GLU A 236 11.75 -17.03 -0.52
C GLU A 236 12.41 -16.03 -1.48
N GLU A 237 11.63 -15.24 -2.22
CA GLU A 237 12.17 -14.30 -3.17
C GLU A 237 12.97 -13.19 -2.46
N LEU A 238 12.48 -12.72 -1.30
CA LEU A 238 13.23 -11.76 -0.51
C LEU A 238 14.61 -12.31 -0.17
N GLU A 239 14.62 -13.54 0.36
CA GLU A 239 15.89 -14.14 0.73
C GLU A 239 16.83 -14.33 -0.48
N ASN A 240 16.28 -14.78 -1.61
CA ASN A 240 17.09 -15.00 -2.79
C ASN A 240 17.63 -13.65 -3.31
N ALA A 241 16.99 -12.53 -3.04
CA ALA A 241 17.52 -11.27 -3.47
C ALA A 241 18.50 -10.67 -2.46
N GLY A 242 18.79 -11.35 -1.38
CA GLY A 242 19.75 -10.77 -0.46
C GLY A 242 19.18 -10.03 0.73
N VAL A 243 17.87 -10.00 0.93
CA VAL A 243 17.30 -9.46 2.16
C VAL A 243 17.41 -10.55 3.22
N GLU A 244 18.02 -10.20 4.35
CA GLU A 244 18.10 -11.12 5.49
C GLU A 244 16.78 -11.09 6.20
N VAL A 245 16.01 -12.20 6.16
CA VAL A 245 14.72 -12.23 6.86
C VAL A 245 14.93 -12.85 8.23
N LEU A 246 14.74 -12.02 9.25
CA LEU A 246 14.96 -12.38 10.66
C LEU A 246 13.62 -12.87 11.22
N LYS A 247 13.46 -14.17 11.26
CA LYS A 247 12.18 -14.83 11.59
C LYS A 247 12.01 -14.91 13.09
N PHE A 248 10.75 -14.90 13.53
CA PHE A 248 10.38 -15.04 14.92
C PHE A 248 11.13 -14.06 15.81
N SER A 249 11.26 -12.80 15.31
CA SER A 249 12.14 -11.83 15.91
C SER A 249 11.41 -10.51 16.20
N GLN A 250 11.72 -9.87 17.30
CA GLN A 250 11.10 -8.65 17.82
C GLN A 250 12.14 -7.74 18.42
N VAL A 251 11.95 -6.43 18.27
CA VAL A 251 12.84 -5.45 18.88
C VAL A 251 12.47 -5.25 20.34
N LYS A 252 13.49 -5.34 21.19
CA LYS A 252 13.31 -5.03 22.62
C LYS A 252 13.75 -3.63 23.03
N GLU A 253 14.74 -3.05 22.38
CA GLU A 253 15.31 -1.75 22.73
C GLU A 253 16.13 -1.25 21.56
N VAL A 254 16.29 0.06 21.46
CA VAL A 254 17.14 0.71 20.47
C VAL A 254 18.00 1.73 21.20
N LYS A 255 19.29 1.76 20.88
CA LYS A 255 20.20 2.72 21.50
C LYS A 255 21.04 3.41 20.42
N LYS A 256 21.32 4.70 20.69
CA LYS A 256 22.19 5.41 19.79
C LYS A 256 23.61 5.01 20.12
N THR A 257 24.39 4.75 19.09
CA THR A 257 25.80 4.40 19.16
C THR A 257 26.63 5.37 18.34
N LEU A 258 27.95 5.23 18.42
CA LEU A 258 28.83 6.21 17.73
C LEU A 258 28.62 6.18 16.23
N SER A 259 28.28 4.99 15.78
N SER A 259 28.32 5.01 15.65
CA SER A 259 27.82 4.66 14.46
CA SER A 259 28.24 5.07 14.19
C SER A 259 26.32 4.33 14.53
C SER A 259 26.79 5.00 13.73
N GLY A 260 25.43 5.15 14.03
N GLY A 260 25.88 4.74 14.68
CA GLY A 260 24.03 4.78 13.92
CA GLY A 260 24.48 4.70 14.27
C GLY A 260 23.43 4.32 15.22
C GLY A 260 23.55 4.24 15.37
N LEU A 261 22.70 3.22 15.16
N LEU A 261 22.99 3.05 15.17
CA LEU A 261 21.97 2.64 16.27
CA LEU A 261 22.03 2.48 16.09
C LEU A 261 22.40 1.20 16.52
C LEU A 261 22.35 1.03 16.43
N GLU A 262 22.14 0.66 17.70
CA GLU A 262 22.19 -0.76 18.07
C GLU A 262 20.78 -1.18 18.38
N VAL A 263 20.35 -2.24 17.69
CA VAL A 263 19.02 -2.79 17.89
C VAL A 263 19.15 -4.07 18.70
N SER A 264 18.45 -4.11 19.85
CA SER A 264 18.41 -5.31 20.67
C SER A 264 17.20 -6.13 20.25
N MET A 265 17.41 -7.35 19.79
CA MET A 265 16.42 -8.21 19.24
C MET A 265 16.28 -9.46 20.09
N VAL A 266 15.05 -9.95 20.21
CA VAL A 266 14.78 -11.27 20.79
C VAL A 266 14.21 -12.18 19.69
N THR A 267 14.79 -13.34 19.53
CA THR A 267 14.37 -14.34 18.56
C THR A 267 13.90 -15.57 19.31
N ALA A 268 12.71 -16.07 18.95
CA ALA A 268 12.10 -17.19 19.67
C ALA A 268 11.45 -18.14 18.66
N VAL A 269 12.28 -18.97 18.04
CA VAL A 269 11.82 -19.92 17.05
C VAL A 269 11.17 -21.12 17.72
N PRO A 270 10.03 -21.56 17.27
CA PRO A 270 9.44 -22.79 17.84
C PRO A 270 10.42 -23.96 17.80
N GLY A 271 10.51 -24.64 18.93
CA GLY A 271 11.38 -25.77 19.12
C GLY A 271 12.76 -25.41 19.59
N ARG A 272 13.12 -24.15 19.68
CA ARG A 272 14.42 -23.66 20.13
C ARG A 272 14.19 -22.81 21.36
N LEU A 273 15.22 -22.36 21.98
CA LEU A 273 15.14 -21.41 23.10
C LEU A 273 15.26 -19.98 22.64
N PRO A 274 14.58 -19.04 23.35
CA PRO A 274 14.75 -17.61 23.03
C PRO A 274 16.19 -17.16 23.20
N VAL A 275 16.58 -16.23 22.32
CA VAL A 275 17.94 -15.71 22.29
C VAL A 275 17.90 -14.21 22.03
N MET A 276 18.76 -13.47 22.69
CA MET A 276 18.94 -12.04 22.51
C MET A 276 20.13 -11.80 21.60
N THR A 277 19.99 -10.96 20.61
CA THR A 277 21.01 -10.61 19.63
C THR A 277 21.09 -9.09 19.56
N MET A 278 22.28 -8.51 19.57
CA MET A 278 22.44 -7.11 19.26
C MET A 278 22.76 -6.98 17.79
N ILE A 279 22.11 -6.08 17.10
CA ILE A 279 22.42 -5.74 15.72
C ILE A 279 23.12 -4.36 15.75
N PRO A 280 24.42 -4.31 15.50
CA PRO A 280 25.17 -3.05 15.57
C PRO A 280 25.18 -2.30 14.26
N ASP A 281 25.58 -1.05 14.33
CA ASP A 281 25.94 -0.24 13.18
C ASP A 281 24.77 -0.11 12.21
N VAL A 282 23.57 0.03 12.74
CA VAL A 282 22.37 0.22 11.91
C VAL A 282 22.21 1.70 11.59
N ASP A 283 22.14 2.02 10.27
CA ASP A 283 21.92 3.41 9.86
C ASP A 283 20.45 3.77 9.81
N CYS A 284 19.60 2.86 9.36
CA CYS A 284 18.18 3.13 9.23
C CYS A 284 17.43 2.01 9.90
N LEU A 285 16.63 2.36 10.92
CA LEU A 285 15.67 1.43 11.52
C LEU A 285 14.33 1.94 11.11
N LEU A 286 13.56 1.17 10.37
CA LEU A 286 12.30 1.61 9.78
C LEU A 286 11.18 0.76 10.39
N TRP A 287 10.26 1.37 11.12
CA TRP A 287 9.07 0.75 11.65
C TRP A 287 8.00 0.71 10.58
N ALA A 288 7.57 -0.48 10.18
CA ALA A 288 6.49 -0.68 9.20
C ALA A 288 5.52 -1.71 9.81
N ILE A 289 4.95 -1.31 10.94
CA ILE A 289 4.18 -2.20 11.80
C ILE A 289 2.69 -1.88 11.81
N GLY A 290 2.22 -0.91 11.12
CA GLY A 290 0.80 -0.61 10.96
C GLY A 290 0.56 0.85 10.76
N ARG A 291 -0.71 1.19 10.69
CA ARG A 291 -1.22 2.53 10.42
C ARG A 291 -2.25 2.90 11.48
N VAL A 292 -2.27 4.16 11.90
CA VAL A 292 -3.22 4.69 12.87
C VAL A 292 -4.05 5.77 12.20
N PRO A 293 -5.35 5.81 12.44
CA PRO A 293 -6.20 6.81 11.76
C PRO A 293 -6.00 8.22 12.34
N ASN A 294 -6.18 9.24 11.51
CA ASN A 294 -5.97 10.60 11.90
C ASN A 294 -7.29 11.21 12.40
N THR A 295 -7.63 10.92 13.68
CA THR A 295 -8.86 11.38 14.29
C THR A 295 -8.67 12.04 15.64
N LYS A 296 -7.52 12.03 16.26
CA LYS A 296 -7.39 12.49 17.61
C LYS A 296 -7.75 13.93 17.81
N ASP A 297 -7.49 14.80 16.83
CA ASP A 297 -7.72 16.22 17.08
C ASP A 297 -8.94 16.76 16.31
N LEU A 298 -9.86 15.87 15.93
CA LEU A 298 -11.06 16.28 15.20
C LEU A 298 -12.19 16.73 16.11
N SER A 299 -12.06 16.55 17.40
CA SER A 299 -13.17 16.86 18.32
C SER A 299 -14.43 16.08 18.01
N LEU A 300 -14.28 14.79 17.64
CA LEU A 300 -15.42 13.92 17.33
C LEU A 300 -16.39 13.80 18.49
N ASN A 301 -15.89 13.87 19.73
CA ASN A 301 -16.75 13.76 20.89
C ASN A 301 -17.75 14.90 20.99
N LYS A 302 -17.47 16.01 20.32
CA LYS A 302 -18.43 17.13 20.46
C LYS A 302 -19.75 16.78 19.80
N LEU A 303 -19.77 15.85 18.85
CA LEU A 303 -20.98 15.41 18.19
C LEU A 303 -21.33 13.96 18.46
N GLY A 304 -20.54 13.27 19.29
CA GLY A 304 -20.78 11.89 19.63
C GLY A 304 -20.48 10.93 18.43
N ILE A 305 -19.56 11.30 17.52
CA ILE A 305 -19.27 10.44 16.38
C ILE A 305 -18.50 9.19 16.87
N GLN A 306 -18.98 8.04 16.46
CA GLN A 306 -18.49 6.74 16.95
C GLN A 306 -17.19 6.34 16.32
N THR A 307 -16.28 5.87 17.18
CA THR A 307 -14.97 5.32 16.76
C THR A 307 -14.76 3.94 17.43
N ASP A 308 -13.85 3.15 16.85
CA ASP A 308 -13.37 1.93 17.55
C ASP A 308 -12.28 2.32 18.52
N ASP A 309 -11.74 1.29 19.20
CA ASP A 309 -10.72 1.56 20.21
C ASP A 309 -9.39 2.04 19.64
N LYS A 310 -9.19 1.86 18.36
CA LYS A 310 -8.02 2.37 17.64
C LYS A 310 -8.20 3.76 17.03
N GLY A 311 -9.37 4.34 17.13
CA GLY A 311 -9.61 5.67 16.55
C GLY A 311 -10.26 5.69 15.19
N HIS A 312 -10.56 4.52 14.62
CA HIS A 312 -11.19 4.53 13.29
C HIS A 312 -12.63 5.04 13.39
N ILE A 313 -13.05 5.80 12.40
CA ILE A 313 -14.47 6.20 12.34
C ILE A 313 -15.29 5.00 11.92
N ILE A 314 -16.36 4.71 12.66
CA ILE A 314 -17.22 3.58 12.32
C ILE A 314 -18.23 4.01 11.25
N VAL A 315 -18.41 3.18 10.21
CA VAL A 315 -19.37 3.46 9.17
C VAL A 315 -20.20 2.24 8.87
N ASP A 316 -21.33 2.46 8.23
CA ASP A 316 -22.14 1.45 7.62
C ASP A 316 -21.69 1.21 6.14
N GLU A 317 -22.44 0.40 5.41
CA GLU A 317 -22.09 0.03 4.01
C GLU A 317 -22.22 1.22 3.04
N PHE A 318 -22.91 2.28 3.44
CA PHE A 318 -23.05 3.48 2.69
C PHE A 318 -22.11 4.62 3.15
N GLN A 319 -21.14 4.32 3.98
CA GLN A 319 -20.20 5.29 4.51
C GLN A 319 -20.82 6.29 5.45
N ASN A 320 -22.00 6.02 5.99
CA ASN A 320 -22.60 6.84 7.05
C ASN A 320 -21.89 6.59 8.37
N THR A 321 -21.58 7.65 9.11
CA THR A 321 -21.24 7.56 10.52
C THR A 321 -22.51 7.31 11.33
N ASN A 322 -22.39 7.26 12.65
CA ASN A 322 -23.59 7.20 13.50
C ASN A 322 -24.33 8.54 13.60
N VAL A 323 -23.85 9.63 12.99
CA VAL A 323 -24.46 10.93 13.05
C VAL A 323 -24.99 11.35 11.67
N LYS A 324 -26.28 11.67 11.60
CA LYS A 324 -26.91 12.10 10.35
C LYS A 324 -26.13 13.25 9.73
N GLY A 325 -25.91 13.17 8.44
CA GLY A 325 -25.23 14.19 7.67
C GLY A 325 -23.73 14.16 7.75
N ILE A 326 -23.14 13.14 8.39
CA ILE A 326 -21.69 12.99 8.51
C ILE A 326 -21.31 11.63 7.99
N TYR A 327 -20.29 11.56 7.16
CA TYR A 327 -19.85 10.39 6.46
C TYR A 327 -18.36 10.23 6.67
N ALA A 328 -17.79 9.06 6.31
CA ALA A 328 -16.36 8.87 6.31
C ALA A 328 -15.96 7.87 5.24
N VAL A 329 -14.80 8.12 4.59
CA VAL A 329 -14.27 7.19 3.60
C VAL A 329 -12.76 7.12 3.76
N GLY A 330 -12.17 6.09 3.17
CA GLY A 330 -10.74 5.97 3.08
C GLY A 330 -10.09 5.41 4.31
N ASP A 331 -8.80 5.70 4.48
CA ASP A 331 -7.99 5.09 5.51
C ASP A 331 -8.50 5.39 6.92
N VAL A 332 -9.18 6.50 7.12
CA VAL A 332 -9.69 6.83 8.47
C VAL A 332 -10.67 5.79 9.00
N CYS A 333 -11.27 4.98 8.12
CA CYS A 333 -12.18 3.94 8.52
C CYS A 333 -11.50 2.56 8.70
N GLY A 334 -10.24 2.41 8.30
CA GLY A 334 -9.51 1.20 8.62
C GLY A 334 -9.80 -0.02 7.77
N LYS A 335 -10.53 0.07 6.70
CA LYS A 335 -10.94 -1.06 5.88
C LYS A 335 -10.36 -0.89 4.47
N ALA A 336 -9.59 -1.82 3.96
CA ALA A 336 -9.11 -1.86 2.58
C ALA A 336 -8.33 -0.55 2.28
N LEU A 337 -7.14 -0.45 2.86
CA LEU A 337 -6.36 0.82 2.85
C LEU A 337 -5.58 0.97 1.55
N LEU A 338 -6.31 1.33 0.50
CA LEU A 338 -5.78 1.50 -0.84
C LEU A 338 -6.36 2.80 -1.42
N THR A 339 -5.63 3.44 -2.32
CA THR A 339 -6.07 4.67 -2.98
C THR A 339 -7.34 4.45 -3.81
N PRO A 340 -7.44 3.43 -4.65
CA PRO A 340 -8.64 3.30 -5.48
C PRO A 340 -9.89 3.00 -4.68
N VAL A 341 -9.73 2.41 -3.49
CA VAL A 341 -10.86 2.13 -2.60
C VAL A 341 -11.41 3.45 -2.05
N ALA A 342 -10.51 4.31 -1.54
CA ALA A 342 -10.93 5.61 -1.07
C ALA A 342 -11.67 6.39 -2.20
N ILE A 343 -11.09 6.35 -3.40
CA ILE A 343 -11.65 7.06 -4.55
C ILE A 343 -13.02 6.52 -4.87
N ALA A 344 -13.16 5.21 -5.00
CA ALA A 344 -14.43 4.62 -5.43
C ALA A 344 -15.48 4.85 -4.35
N ALA A 345 -15.14 4.66 -3.08
CA ALA A 345 -16.10 4.89 -2.01
C ALA A 345 -16.54 6.36 -2.03
N GLY A 346 -15.61 7.29 -2.25
CA GLY A 346 -15.93 8.70 -2.31
C GLY A 346 -16.83 9.08 -3.48
N ARG A 347 -16.55 8.48 -4.64
CA ARG A 347 -17.42 8.75 -5.81
C ARG A 347 -18.80 8.16 -5.63
N LYS A 348 -18.89 6.91 -5.14
CA LYS A 348 -20.20 6.30 -4.92
C LYS A 348 -21.03 7.10 -3.94
N LEU A 349 -20.38 7.64 -2.92
CA LEU A 349 -21.05 8.48 -1.92
C LEU A 349 -21.59 9.75 -2.57
N ALA A 350 -20.78 10.40 -3.42
CA ALA A 350 -21.26 11.60 -4.12
C ALA A 350 -22.49 11.33 -4.96
N HIS A 351 -22.53 10.20 -5.66
CA HIS A 351 -23.75 9.88 -6.43
C HIS A 351 -24.91 9.61 -5.50
N ARG A 352 -24.72 8.97 -4.37
CA ARG A 352 -25.80 8.75 -3.44
C ARG A 352 -26.37 10.09 -2.97
N LEU A 353 -25.52 11.01 -2.53
CA LEU A 353 -25.96 12.25 -1.90
C LEU A 353 -26.48 13.29 -2.90
N PHE A 354 -25.84 13.35 -4.08
CA PHE A 354 -26.08 14.46 -4.96
C PHE A 354 -26.70 14.06 -6.28
N GLU A 355 -26.83 12.73 -6.57
CA GLU A 355 -27.67 12.22 -7.63
C GLU A 355 -28.82 11.45 -7.06
N TYR A 356 -28.92 11.27 -5.75
CA TYR A 356 -30.05 10.66 -5.08
C TYR A 356 -30.16 9.18 -5.35
N LYS A 357 -29.04 8.53 -5.63
CA LYS A 357 -29.01 7.10 -5.96
C LYS A 357 -28.84 6.32 -4.66
N GLU A 358 -29.97 5.91 -4.06
CA GLU A 358 -29.97 5.38 -2.71
C GLU A 358 -29.20 4.06 -2.60
N ASP A 359 -29.00 3.33 -3.68
CA ASP A 359 -28.27 2.08 -3.59
C ASP A 359 -26.80 2.25 -4.00
N SER A 360 -26.33 3.47 -4.23
CA SER A 360 -24.94 3.70 -4.66
C SER A 360 -24.00 3.51 -3.48
N LYS A 361 -23.12 2.52 -3.57
CA LYS A 361 -22.16 2.16 -2.55
C LYS A 361 -21.04 1.34 -3.19
N LEU A 362 -19.93 1.25 -2.48
CA LEU A 362 -18.81 0.43 -2.95
C LEU A 362 -18.98 -1.00 -2.45
N ASP A 363 -18.83 -1.97 -3.36
CA ASP A 363 -18.69 -3.39 -3.02
C ASP A 363 -17.20 -3.63 -2.60
N TYR A 364 -16.99 -4.06 -1.38
CA TYR A 364 -15.65 -4.29 -0.87
C TYR A 364 -15.16 -5.69 -1.19
N ASN A 365 -15.90 -6.54 -1.82
CA ASN A 365 -15.43 -7.85 -2.28
C ASN A 365 -14.74 -7.70 -3.62
N ASN A 366 -13.76 -8.59 -3.87
CA ASN A 366 -13.08 -8.64 -5.14
C ASN A 366 -12.36 -7.39 -5.53
N ILE A 367 -11.81 -6.71 -4.53
CA ILE A 367 -10.89 -5.57 -4.74
C ILE A 367 -9.50 -6.16 -5.06
N PRO A 368 -8.90 -5.79 -6.20
CA PRO A 368 -7.56 -6.31 -6.51
C PRO A 368 -6.48 -5.47 -5.82
N THR A 369 -5.37 -6.12 -5.52
N THR A 369 -5.35 -6.10 -5.59
CA THR A 369 -4.17 -5.61 -4.86
CA THR A 369 -4.21 -5.31 -5.10
C THR A 369 -2.94 -5.99 -5.68
C THR A 369 -2.92 -5.95 -5.56
N VAL A 370 -1.99 -5.06 -5.83
CA VAL A 370 -0.65 -5.36 -6.25
C VAL A 370 0.31 -4.94 -5.13
N VAL A 371 1.29 -5.82 -4.82
CA VAL A 371 2.41 -5.49 -3.94
C VAL A 371 3.63 -5.38 -4.82
N PHE A 372 4.34 -4.24 -4.70
CA PHE A 372 5.49 -3.96 -5.50
C PHE A 372 6.76 -4.54 -4.84
N SER A 373 6.73 -5.88 -4.73
CA SER A 373 7.90 -6.67 -4.41
C SER A 373 8.73 -6.91 -5.67
N HIS A 374 9.74 -7.76 -5.58
CA HIS A 374 10.61 -8.11 -6.66
C HIS A 374 10.65 -9.63 -6.85
N PRO A 375 9.90 -10.19 -7.74
CA PRO A 375 8.95 -9.58 -8.69
C PRO A 375 7.65 -9.21 -7.98
N PRO A 376 6.79 -8.44 -8.67
CA PRO A 376 5.53 -7.98 -8.05
C PRO A 376 4.53 -9.13 -7.85
N ILE A 377 3.61 -8.88 -6.95
CA ILE A 377 2.50 -9.75 -6.54
C ILE A 377 1.20 -9.12 -6.99
N GLY A 378 0.29 -9.95 -7.51
CA GLY A 378 -1.09 -9.56 -7.76
C GLY A 378 -2.06 -10.51 -7.14
N THR A 379 -3.14 -10.02 -6.54
CA THR A 379 -4.14 -10.87 -5.97
C THR A 379 -5.53 -10.24 -6.08
N VAL A 380 -6.52 -11.09 -6.31
CA VAL A 380 -7.91 -10.65 -6.22
C VAL A 380 -8.73 -11.81 -5.70
N GLY A 381 -9.75 -11.52 -4.90
CA GLY A 381 -10.65 -12.55 -4.37
C GLY A 381 -10.07 -13.30 -3.19
N LEU A 382 -10.64 -14.50 -3.01
CA LEU A 382 -10.41 -15.31 -1.82
C LEU A 382 -9.15 -16.12 -1.92
N THR A 383 -8.44 -16.24 -0.81
CA THR A 383 -7.39 -17.22 -0.66
C THR A 383 -8.01 -18.62 -0.70
N GLU A 384 -7.15 -19.61 -0.96
CA GLU A 384 -7.65 -21.00 -0.92
C GLU A 384 -8.32 -21.33 0.41
N ASP A 385 -7.67 -20.93 1.49
CA ASP A 385 -8.29 -21.24 2.80
C ASP A 385 -9.58 -20.49 3.05
N GLU A 386 -9.67 -19.24 2.63
CA GLU A 386 -10.96 -18.52 2.75
C GLU A 386 -12.05 -19.16 1.95
N ALA A 387 -11.69 -19.65 0.74
CA ALA A 387 -12.68 -20.33 -0.09
C ALA A 387 -13.10 -21.64 0.55
N ILE A 388 -12.17 -22.40 1.11
CA ILE A 388 -12.55 -23.65 1.80
C ILE A 388 -13.49 -23.35 2.93
N HIS A 389 -13.24 -22.30 3.72
CA HIS A 389 -14.15 -21.97 4.81
C HIS A 389 -15.55 -21.63 4.31
N LYS A 390 -15.62 -20.81 3.26
CA LYS A 390 -16.87 -20.35 2.73
C LYS A 390 -17.71 -21.42 2.02
N TYR A 391 -17.06 -22.18 1.16
CA TYR A 391 -17.73 -23.14 0.31
C TYR A 391 -17.67 -24.60 0.76
N GLY A 392 -16.76 -24.97 1.64
CA GLY A 392 -16.55 -26.36 2.02
C GLY A 392 -15.41 -26.95 1.21
N ILE A 393 -14.62 -27.77 1.90
CA ILE A 393 -13.42 -28.36 1.25
C ILE A 393 -13.78 -29.17 0.00
N GLU A 394 -14.92 -29.85 0.04
CA GLU A 394 -15.26 -30.73 -1.09
C GLU A 394 -15.68 -29.90 -2.29
N ASN A 395 -15.90 -28.57 -2.13
CA ASN A 395 -16.46 -27.72 -3.17
C ASN A 395 -15.45 -26.69 -3.68
N VAL A 396 -14.18 -26.86 -3.33
CA VAL A 396 -13.12 -25.98 -3.84
C VAL A 396 -12.05 -26.79 -4.53
N LYS A 397 -11.65 -26.34 -5.72
CA LYS A 397 -10.58 -26.93 -6.51
C LYS A 397 -9.58 -25.82 -6.85
N THR A 398 -8.31 -26.10 -6.68
CA THR A 398 -7.29 -25.11 -7.06
C THR A 398 -6.49 -25.66 -8.25
N TYR A 399 -6.04 -24.72 -9.06
CA TYR A 399 -5.13 -24.99 -10.17
C TYR A 399 -3.93 -24.08 -9.95
N SER A 400 -2.72 -24.58 -10.18
CA SER A 400 -1.54 -23.73 -9.98
C SER A 400 -0.45 -24.11 -10.95
N THR A 401 0.49 -23.19 -11.11
CA THR A 401 1.72 -23.47 -11.86
C THR A 401 2.86 -22.68 -11.24
N SER A 402 4.06 -23.14 -11.55
CA SER A 402 5.32 -22.45 -11.23
C SER A 402 6.26 -22.59 -12.39
N PHE A 403 6.89 -21.52 -12.86
CA PHE A 403 7.75 -21.56 -14.02
C PHE A 403 8.76 -20.43 -13.92
N THR A 404 9.81 -20.52 -14.71
CA THR A 404 10.79 -19.43 -14.85
C THR A 404 10.44 -18.66 -16.08
N PRO A 405 10.13 -17.36 -15.98
CA PRO A 405 9.83 -16.56 -17.20
C PRO A 405 10.97 -16.61 -18.19
N MET A 406 10.59 -16.58 -19.46
CA MET A 406 11.60 -16.69 -20.51
C MET A 406 12.57 -15.50 -20.55
N TYR A 407 12.25 -14.35 -19.92
CA TYR A 407 13.24 -13.30 -19.73
C TYR A 407 14.55 -13.89 -19.15
N HIS A 408 14.41 -14.85 -18.24
CA HIS A 408 15.60 -15.43 -17.55
C HIS A 408 16.20 -16.63 -18.32
N ALA A 409 15.73 -16.95 -19.50
CA ALA A 409 16.36 -18.06 -20.25
C ALA A 409 17.84 -17.86 -20.51
N VAL A 410 18.28 -16.62 -20.56
CA VAL A 410 19.63 -16.24 -20.93
C VAL A 410 20.39 -15.59 -19.79
N THR A 411 19.78 -15.53 -18.57
CA THR A 411 20.42 -14.93 -17.43
C THR A 411 20.86 -15.91 -16.33
N LYS A 412 21.92 -15.55 -15.62
CA LYS A 412 22.38 -16.32 -14.46
C LYS A 412 21.53 -16.03 -13.22
N ARG A 413 21.00 -14.83 -13.06
CA ARG A 413 20.08 -14.47 -12.01
C ARG A 413 18.72 -15.03 -12.37
N LYS A 414 17.93 -15.47 -11.41
CA LYS A 414 16.60 -16.02 -11.67
C LYS A 414 15.57 -15.47 -10.74
N THR A 415 14.34 -15.33 -11.24
CA THR A 415 13.16 -15.16 -10.45
C THR A 415 12.13 -16.19 -10.99
N LYS A 416 11.15 -16.53 -10.16
CA LYS A 416 10.10 -17.44 -10.51
C LYS A 416 8.77 -16.72 -10.76
N CYS A 417 7.88 -17.40 -11.46
CA CYS A 417 6.49 -16.97 -11.49
C CYS A 417 5.66 -18.11 -10.88
N VAL A 418 4.80 -17.76 -9.96
CA VAL A 418 3.83 -18.69 -9.39
C VAL A 418 2.46 -18.12 -9.60
N MET A 419 1.49 -19.00 -9.93
CA MET A 419 0.13 -18.60 -10.13
C MET A 419 -0.81 -19.64 -9.51
N LYS A 420 -1.90 -19.17 -8.91
CA LYS A 420 -2.92 -20.02 -8.31
C LYS A 420 -4.32 -19.46 -8.69
N MET A 421 -5.16 -20.32 -9.19
CA MET A 421 -6.57 -20.06 -9.42
C MET A 421 -7.37 -20.89 -8.42
N VAL A 422 -8.28 -20.26 -7.70
CA VAL A 422 -9.16 -20.88 -6.71
C VAL A 422 -10.55 -20.92 -7.29
N CYS A 423 -11.10 -22.16 -7.42
CA CYS A 423 -12.41 -22.32 -8.04
C CYS A 423 -13.42 -22.93 -7.06
N ALA A 424 -14.66 -22.49 -7.15
CA ALA A 424 -15.71 -22.98 -6.28
C ALA A 424 -16.83 -23.62 -7.05
N ASN A 425 -17.38 -24.68 -6.46
CA ASN A 425 -18.57 -25.40 -6.95
C ASN A 425 -18.44 -26.10 -8.27
N LYS A 426 -19.49 -26.74 -8.77
CA LYS A 426 -19.35 -27.62 -9.91
C LYS A 426 -18.93 -26.87 -11.17
N GLU A 427 -19.44 -25.64 -11.27
CA GLU A 427 -19.12 -24.78 -12.37
C GLU A 427 -17.72 -24.18 -12.28
N GLU A 428 -16.96 -24.37 -11.21
CA GLU A 428 -15.61 -23.82 -11.08
C GLU A 428 -15.61 -22.32 -11.29
N LYS A 429 -16.49 -21.63 -10.59
CA LYS A 429 -16.44 -20.18 -10.50
C LYS A 429 -15.08 -19.74 -9.96
N VAL A 430 -14.44 -18.80 -10.67
CA VAL A 430 -13.12 -18.32 -10.21
C VAL A 430 -13.31 -17.32 -9.10
N VAL A 431 -13.01 -17.77 -7.89
CA VAL A 431 -13.23 -16.91 -6.70
C VAL A 431 -11.94 -16.31 -6.18
N GLY A 432 -10.77 -16.70 -6.68
CA GLY A 432 -9.52 -16.09 -6.30
C GLY A 432 -8.47 -16.31 -7.37
N ILE A 433 -7.62 -15.32 -7.59
CA ILE A 433 -6.44 -15.38 -8.40
C ILE A 433 -5.30 -14.79 -7.63
N HIS A 434 -4.15 -15.50 -7.56
CA HIS A 434 -3.00 -15.11 -6.77
C HIS A 434 -1.73 -15.37 -7.58
N MET A 435 -0.83 -14.40 -7.70
CA MET A 435 0.36 -14.62 -8.46
C MET A 435 1.50 -13.73 -7.99
N GLN A 436 2.70 -14.19 -8.29
CA GLN A 436 3.89 -13.37 -8.15
C GLN A 436 4.80 -13.68 -9.32
N GLY A 437 5.35 -12.64 -9.96
CA GLY A 437 6.17 -12.85 -11.12
C GLY A 437 6.34 -11.58 -11.94
N LEU A 438 7.31 -11.58 -12.86
CA LEU A 438 7.49 -10.47 -13.79
C LEU A 438 6.19 -10.18 -14.55
N GLY A 439 5.79 -8.93 -14.57
CA GLY A 439 4.57 -8.53 -15.29
C GLY A 439 3.31 -8.59 -14.48
N CYS A 440 3.36 -9.20 -13.27
CA CYS A 440 2.09 -9.41 -12.57
C CYS A 440 1.44 -8.11 -12.17
N ASP A 441 2.21 -7.04 -11.99
CA ASP A 441 1.67 -5.72 -11.70
C ASP A 441 0.71 -5.20 -12.74
N GLU A 442 0.98 -5.43 -14.03
CA GLU A 442 0.12 -4.95 -15.12
C GLU A 442 -0.87 -5.99 -15.60
N MET A 443 -0.71 -7.26 -15.19
CA MET A 443 -1.50 -8.37 -15.64
C MET A 443 -2.83 -8.48 -14.91
N LEU A 444 -2.91 -8.02 -13.67
CA LEU A 444 -4.01 -8.35 -12.82
C LEU A 444 -5.29 -7.64 -13.18
N GLN A 445 -5.25 -6.36 -13.61
CA GLN A 445 -6.48 -5.59 -13.73
C GLN A 445 -7.57 -6.26 -14.56
N GLY A 446 -7.18 -6.79 -15.72
CA GLY A 446 -8.16 -7.39 -16.57
C GLY A 446 -8.75 -8.65 -15.98
N PHE A 447 -7.90 -9.45 -15.32
CA PHE A 447 -8.42 -10.63 -14.63
C PHE A 447 -9.39 -10.26 -13.52
N ALA A 448 -9.13 -9.12 -12.84
CA ALA A 448 -10.07 -8.65 -11.80
C ALA A 448 -11.41 -8.32 -12.46
N VAL A 449 -11.46 -7.74 -13.64
CA VAL A 449 -12.75 -7.49 -14.28
C VAL A 449 -13.48 -8.79 -14.51
N ALA A 450 -12.79 -9.79 -14.99
CA ALA A 450 -13.44 -11.11 -15.21
C ALA A 450 -13.97 -11.72 -13.90
N VAL A 451 -13.18 -11.67 -12.86
CA VAL A 451 -13.61 -12.21 -11.57
C VAL A 451 -14.84 -11.46 -11.08
N LYS A 452 -14.84 -10.11 -11.14
CA LYS A 452 -15.99 -9.34 -10.74
C LYS A 452 -17.24 -9.71 -11.53
N MET A 453 -17.11 -10.09 -12.76
CA MET A 453 -18.20 -10.55 -13.62
C MET A 453 -18.66 -11.98 -13.35
N GLY A 454 -17.99 -12.69 -12.46
CA GLY A 454 -18.37 -14.07 -12.16
C GLY A 454 -17.79 -15.09 -13.10
N ALA A 455 -16.65 -14.88 -13.69
CA ALA A 455 -16.02 -15.81 -14.61
C ALA A 455 -15.88 -17.17 -13.97
N THR A 456 -16.04 -18.18 -14.83
CA THR A 456 -15.74 -19.54 -14.46
C THR A 456 -14.45 -19.95 -15.12
N LYS A 457 -13.91 -21.11 -14.71
CA LYS A 457 -12.69 -21.58 -15.32
C LYS A 457 -12.92 -21.78 -16.81
N ALA A 458 -14.10 -22.26 -17.25
CA ALA A 458 -14.39 -22.38 -18.67
C ALA A 458 -14.26 -21.05 -19.41
N ASP A 459 -14.63 -19.95 -18.80
CA ASP A 459 -14.48 -18.63 -19.46
C ASP A 459 -13.03 -18.34 -19.70
N PHE A 460 -12.14 -18.67 -18.76
CA PHE A 460 -10.71 -18.48 -18.97
C PHE A 460 -10.20 -19.36 -20.07
N ASP A 461 -10.59 -20.65 -19.97
N ASP A 461 -10.57 -20.65 -19.99
CA ASP A 461 -10.28 -21.71 -20.91
CA ASP A 461 -10.02 -21.61 -20.96
C ASP A 461 -10.55 -21.22 -22.34
C ASP A 461 -10.60 -21.36 -22.37
N ASN A 462 -11.76 -20.70 -22.50
CA ASN A 462 -12.33 -20.34 -23.79
C ASN A 462 -11.65 -19.10 -24.39
N THR A 463 -10.77 -18.43 -23.66
CA THR A 463 -10.10 -17.26 -24.19
C THR A 463 -8.75 -17.70 -24.77
N VAL A 464 -8.50 -17.35 -26.04
CA VAL A 464 -7.27 -17.73 -26.70
C VAL A 464 -6.11 -16.99 -26.05
N ALA A 465 -5.03 -17.77 -25.82
CA ALA A 465 -3.81 -17.32 -25.19
C ALA A 465 -3.09 -16.30 -26.10
N ILE A 466 -2.24 -15.51 -25.42
CA ILE A 466 -1.28 -14.60 -26.08
C ILE A 466 0.09 -15.12 -25.84
N HIS A 467 0.87 -15.44 -26.86
CA HIS A 467 2.17 -16.08 -26.81
C HIS A 467 3.23 -15.21 -27.46
N PRO A 468 4.44 -15.18 -26.90
CA PRO A 468 4.90 -15.70 -25.61
C PRO A 468 4.74 -14.61 -24.57
N THR A 469 3.97 -14.94 -23.51
CA THR A 469 3.80 -14.04 -22.38
C THR A 469 3.75 -14.88 -21.09
N SER A 470 3.89 -14.25 -19.93
CA SER A 470 3.56 -14.93 -18.68
C SER A 470 2.05 -15.06 -18.51
N SER A 471 1.28 -14.04 -18.95
CA SER A 471 -0.15 -13.97 -18.73
C SER A 471 -0.91 -15.16 -19.31
N GLU A 472 -0.40 -15.74 -20.40
CA GLU A 472 -1.13 -16.88 -20.97
C GLU A 472 -1.22 -18.06 -20.05
N GLU A 473 -0.29 -18.15 -19.09
CA GLU A 473 -0.30 -19.30 -18.17
C GLU A 473 -1.59 -19.35 -17.37
N LEU A 474 -2.28 -18.21 -17.15
CA LEU A 474 -3.50 -18.22 -16.38
C LEU A 474 -4.68 -18.77 -17.16
N VAL A 475 -4.63 -18.73 -18.49
CA VAL A 475 -5.71 -19.25 -19.33
C VAL A 475 -5.42 -20.64 -19.87
N THR A 476 -4.32 -21.28 -19.40
CA THR A 476 -3.93 -22.63 -19.90
C THR A 476 -3.66 -23.57 -18.73
N LEU A 477 -4.17 -23.29 -17.55
CA LEU A 477 -4.03 -24.22 -16.41
C LEU A 477 -4.85 -25.48 -16.61
N ARG A 478 -4.32 -26.64 -16.22
CA ARG A 478 -5.03 -27.88 -16.27
C ARG A 478 -4.83 -28.69 -14.97
S SO4 B . 2.61 -10.75 11.19
O1 SO4 B . 2.30 -9.49 10.62
O2 SO4 B . 3.07 -11.66 10.14
O3 SO4 B . 1.79 -11.22 12.25
O4 SO4 B . 4.05 -10.50 11.63
S SO4 C . 1.05 -12.32 17.00
O1 SO4 C . 0.80 -13.78 16.70
O2 SO4 C . 1.53 -12.15 18.38
O3 SO4 C . -0.21 -11.66 16.81
O4 SO4 C . 2.08 -11.81 16.03
PA FAD D . -4.96 10.58 2.84
O1A FAD D . -4.04 10.21 3.93
O2A FAD D . -4.45 10.56 1.46
O5B FAD D . -5.52 12.06 2.90
C5B FAD D . -5.94 12.63 4.15
C4B FAD D . -5.65 14.12 4.03
O4B FAD D . -6.32 14.71 5.21
C3B FAD D . -4.18 14.47 4.15
O3B FAD D . -3.75 15.24 3.04
C2B FAD D . -4.05 15.23 5.53
O2B FAD D . -3.08 16.24 5.55
C1B FAD D . -5.43 15.80 5.65
N9A FAD D . -5.88 16.08 7.03
C8A FAD D . -5.89 15.17 8.07
N7A FAD D . -6.58 15.64 9.12
C5A FAD D . -7.03 16.90 8.72
C6A FAD D . -7.82 17.87 9.41
N6A FAD D . -8.40 17.70 10.56
N1A FAD D . -8.06 19.03 8.70
C2A FAD D . -7.55 19.19 7.43
N3A FAD D . -6.83 18.32 6.75
C4A FAD D . -6.57 17.22 7.44
N1 FAD D . -2.37 2.38 -1.99
C2 FAD D . -2.54 1.89 -3.21
O2 FAD D . -3.63 1.83 -3.79
N3 FAD D . -1.38 1.51 -3.97
C4 FAD D . -0.13 1.56 -3.42
O4 FAD D . 0.85 1.19 -4.15
C4X FAD D . 0.03 2.10 -2.14
N5 FAD D . 1.27 2.13 -1.56
C5X FAD D . 1.41 2.83 -0.38
C6 FAD D . 2.66 3.05 0.16
C7 FAD D . 2.86 3.74 1.40
C7M FAD D . 4.27 3.94 1.94
C8 FAD D . 1.75 4.26 2.06
C8M FAD D . 1.91 5.04 3.32
C9 FAD D . 0.47 4.08 1.47
C9A FAD D . 0.29 3.37 0.33
N10 FAD D . -1.02 3.10 -0.24
C10 FAD D . -1.12 2.48 -1.45
C1' FAD D . -2.25 3.46 0.47
C2' FAD D . -2.83 4.80 -0.03
O2' FAD D . -1.80 5.78 -0.09
C3' FAD D . -3.90 5.29 0.98
O3' FAD D . -4.86 4.17 1.07
C4' FAD D . -4.69 6.48 0.49
O4' FAD D . -3.74 7.60 0.31
C5' FAD D . -5.62 6.93 1.55
O5' FAD D . -6.38 8.12 1.07
P FAD D . -7.28 8.92 2.07
O1P FAD D . -7.99 9.91 1.25
O2P FAD D . -8.00 8.02 3.00
O3P FAD D . -6.25 9.66 3.03
N1 GSH E . -7.26 8.81 -12.63
CA1 GSH E . -7.68 7.84 -11.61
C1 GSH E . -9.23 7.82 -11.56
O11 GSH E . -9.84 8.67 -12.25
O12 GSH E . -9.82 7.02 -10.84
CB1 GSH E . -7.13 8.17 -10.29
CG1 GSH E . -5.58 8.17 -10.20
CD1 GSH E . -5.22 8.29 -8.78
OE1 GSH E . -5.38 7.41 -7.95
N2 GSH E . -4.73 9.53 -8.41
CA2 GSH E . -4.52 9.87 -6.98
C2 GSH E . -5.74 10.64 -6.43
O2 GSH E . -5.70 10.85 -5.20
CB2 GSH E . -3.23 10.65 -6.80
CB2 GSH E . -3.31 10.72 -6.62
SG2 GSH E . -1.79 10.13 -7.92
SG2 GSH E . -1.79 9.69 -6.25
N3 GSH E . -6.68 11.02 -7.19
CA3 GSH E . -7.87 11.81 -6.70
C3 GSH E . -8.67 12.26 -8.01
O31 GSH E . -9.57 13.10 -7.80
O32 GSH E . -8.32 11.67 -9.05
N1 GSH F . -1.92 5.59 -13.94
CA1 GSH F . -0.78 5.85 -14.91
C1 GSH F . 0.61 5.43 -14.43
O11 GSH F . 0.66 4.94 -13.26
O12 GSH F . 1.52 5.72 -15.24
CB1 GSH F . -0.72 7.37 -15.28
CG1 GSH F . -0.07 8.16 -14.14
CD1 GSH F . -1.10 8.82 -13.27
OE1 GSH F . -2.07 8.28 -12.71
N2 GSH F . -0.70 10.05 -12.89
C1 GOL G . 0.63 -24.94 -0.83
O1 GOL G . 1.33 -25.59 -1.90
C2 GOL G . 0.56 -23.44 -1.08
O2 GOL G . 0.42 -22.74 0.16
C3 GOL G . -0.74 -23.37 -1.88
O3 GOL G . -1.74 -24.19 -1.27
C1 GOL H . -27.91 11.43 4.64
O1 GOL H . -27.50 10.03 4.14
C2 GOL H . -27.30 11.69 5.99
O2 GOL H . -26.97 10.89 7.00
C3 GOL H . -27.83 12.99 6.04
O3 GOL H . -29.09 13.57 5.90
C1 GOL I . -9.98 -8.36 -1.50
O1 GOL I . -9.74 -9.27 -2.58
C2 GOL I . -11.47 -8.24 -1.24
O2 GOL I . -11.93 -6.91 -1.58
C3 GOL I . -11.57 -8.44 0.28
O3 GOL I . -10.44 -7.85 0.92
C1 GOL J . 14.25 17.04 -11.95
O1 GOL J . 13.55 18.18 -11.38
C2 GOL J . 14.80 17.56 -13.36
O2 GOL J . 14.87 16.18 -14.09
C3 GOL J . 16.11 17.98 -12.73
O3 GOL J . 16.83 16.77 -12.22
#